data_9QME
#
_entry.id   9QME
#
_cell.length_a   107.766
_cell.length_b   107.766
_cell.length_c   107.766
_cell.angle_alpha   90
_cell.angle_beta   90
_cell.angle_gamma   90
#
_symmetry.space_group_name_H-M   'P 21 3'
#
loop_
_entity.id
_entity.type
_entity.pdbx_description
1 polymer 'Cytochrome c'
2 non-polymer 'ZINC ION'
3 non-polymer 'HEME C'
4 non-polymer 'NITRIC OXIDE'
5 non-polymer GLYCEROL
6 water water
#
_entity_poly.entity_id   1
_entity_poly.type   'polypeptide(L)'
_entity_poly.pdbx_seq_one_letter_code
;MNKPSFLLVGLLVVSGVLGAAETKVKYPDGFRSWYHVKSMVIQPGHPLENPFGGIHHVYANAEAIQGLRGGNYPDGAVLV
FDLFDYQEDNHALVEGKRKLIGVMERDAKRFSATGGWGYEGFGEGKPDKRLVTDGGQGCFGCHAAQKESQYVFSRLRD
;
_entity_poly.pdbx_strand_id   A,B
#
loop_
_chem_comp.id
_chem_comp.type
_chem_comp.name
_chem_comp.formula
GOL non-polymer GLYCEROL 'C3 H8 O3'
HEC non-polymer 'HEME C' 'C34 H34 Fe N4 O4'
NO non-polymer 'NITRIC OXIDE' 'N O'
ZN non-polymer 'ZINC ION' 'Zn 2'
#
# COMPACT_ATOMS: atom_id res chain seq x y z
N THR A 23 7.80 15.49 24.96
CA THR A 23 8.36 15.88 23.65
C THR A 23 8.91 14.64 22.96
N LYS A 24 8.15 13.54 23.04
CA LYS A 24 8.62 12.23 22.64
C LYS A 24 7.51 11.53 21.88
N VAL A 25 7.83 11.12 20.65
CA VAL A 25 6.81 10.67 19.72
C VAL A 25 6.45 9.24 20.09
N LYS A 26 5.15 8.94 20.11
CA LYS A 26 4.67 7.60 20.41
C LYS A 26 4.93 6.67 19.22
N TYR A 27 5.20 5.41 19.53
CA TYR A 27 5.10 4.35 18.53
C TYR A 27 3.64 4.25 18.06
N PRO A 28 3.38 4.34 16.74
CA PRO A 28 2.02 4.30 16.21
C PRO A 28 1.47 2.88 16.06
N ASP A 29 0.94 2.32 17.15
CA ASP A 29 0.46 0.93 17.14
C ASP A 29 -0.67 0.77 16.15
N GLY A 30 -0.64 -0.34 15.39
CA GLY A 30 -1.74 -0.67 14.50
C GLY A 30 -1.74 0.15 13.21
N PHE A 31 -0.62 0.85 12.92
CA PHE A 31 -0.48 1.73 11.77
C PHE A 31 -0.73 0.96 10.48
N ARG A 32 -0.42 -0.35 10.47
CA ARG A 32 -0.61 -1.22 9.30
C ARG A 32 -2.08 -1.35 8.90
N SER A 33 -3.02 -0.98 9.79
CA SER A 33 -4.42 -1.12 9.45
C SER A 33 -5.01 0.27 9.15
N TRP A 34 -4.13 1.26 8.96
CA TRP A 34 -4.55 2.59 8.58
C TRP A 34 -4.69 2.71 7.06
N TYR A 35 -5.08 3.91 6.60
CA TYR A 35 -5.30 4.22 5.20
C TYR A 35 -3.94 4.31 4.49
N HIS A 36 -3.83 3.52 3.41
CA HIS A 36 -2.69 3.55 2.52
C HIS A 36 -2.85 4.73 1.57
N VAL A 37 -1.93 5.70 1.68
CA VAL A 37 -1.97 6.98 0.99
C VAL A 37 -1.39 6.80 -0.42
N LYS A 38 -0.17 6.26 -0.46
CA LYS A 38 0.64 6.18 -1.68
C LYS A 38 1.87 5.30 -1.43
N SER A 39 2.57 4.96 -2.52
CA SER A 39 3.87 4.30 -2.45
C SER A 39 4.82 4.90 -3.50
N MET A 40 6.11 4.58 -3.31
CA MET A 40 7.19 5.03 -4.18
C MET A 40 8.40 4.10 -4.00
N VAL A 41 9.16 3.88 -5.07
CA VAL A 41 10.39 3.08 -5.03
C VAL A 41 11.56 4.00 -5.32
N ILE A 42 12.56 3.97 -4.45
CA ILE A 42 13.82 4.66 -4.70
C ILE A 42 14.94 3.64 -4.87
N GLN A 43 15.64 3.73 -6.00
CA GLN A 43 16.59 2.71 -6.45
C GLN A 43 18.00 3.30 -6.50
N PRO A 44 19.03 2.43 -6.70
CA PRO A 44 20.40 2.90 -6.87
C PRO A 44 20.53 3.96 -7.97
N GLY A 45 21.15 5.07 -7.58
CA GLY A 45 21.38 6.17 -8.50
C GLY A 45 20.73 7.45 -7.99
N HIS A 46 19.49 7.31 -7.50
CA HIS A 46 18.71 8.43 -7.04
C HIS A 46 19.49 9.10 -5.90
N PRO A 47 19.40 10.44 -5.76
CA PRO A 47 20.02 11.18 -4.67
C PRO A 47 19.67 10.75 -3.24
N LEU A 48 18.66 9.88 -3.07
CA LEU A 48 18.15 9.55 -1.75
C LEU A 48 18.29 8.07 -1.39
N GLU A 49 19.03 7.27 -2.17
N GLU A 49 19.04 7.31 -2.20
CA GLU A 49 19.19 5.87 -1.84
CA GLU A 49 19.33 5.90 -1.93
C GLU A 49 19.69 5.76 -0.40
C GLU A 49 19.74 5.74 -0.47
N ASN A 50 20.64 6.63 -0.02
CA ASN A 50 21.12 6.67 1.36
C ASN A 50 20.53 7.90 2.06
N PRO A 51 19.56 7.76 2.99
CA PRO A 51 19.15 6.47 3.54
C PRO A 51 17.80 5.92 3.09
N PHE A 52 17.17 6.45 2.04
CA PHE A 52 15.75 6.17 1.86
C PHE A 52 15.51 5.12 0.75
N GLY A 53 16.58 4.46 0.32
CA GLY A 53 16.46 3.48 -0.75
C GLY A 53 15.50 2.33 -0.37
N GLY A 54 14.77 1.81 -1.36
CA GLY A 54 13.82 0.73 -1.17
C GLY A 54 12.40 1.10 -1.64
N ILE A 55 11.43 0.25 -1.28
CA ILE A 55 10.01 0.50 -1.47
C ILE A 55 9.44 1.12 -0.19
N HIS A 56 8.78 2.26 -0.34
CA HIS A 56 8.11 2.85 0.82
C HIS A 56 6.61 3.03 0.56
N HIS A 57 5.87 2.99 1.67
CA HIS A 57 4.43 3.14 1.69
C HIS A 57 4.13 4.20 2.74
N VAL A 58 3.12 5.03 2.48
CA VAL A 58 2.69 6.06 3.41
C VAL A 58 1.30 5.70 3.94
N TYR A 59 1.14 5.83 5.27
CA TYR A 59 -0.10 5.54 6.00
C TYR A 59 -0.53 6.79 6.78
N ALA A 60 -1.85 6.94 6.93
CA ALA A 60 -2.44 8.04 7.70
C ALA A 60 -3.60 7.53 8.55
N ASN A 61 -3.67 8.02 9.80
CA ASN A 61 -4.84 7.83 10.65
C ASN A 61 -5.90 8.87 10.25
N ALA A 62 -7.10 8.72 10.85
CA ALA A 62 -8.28 9.54 10.58
C ALA A 62 -7.97 11.04 10.64
N GLU A 63 -7.34 11.46 11.73
CA GLU A 63 -7.01 12.87 11.87
C GLU A 63 -6.08 13.38 10.77
N ALA A 64 -5.24 12.51 10.19
CA ALA A 64 -4.33 12.96 9.15
C ALA A 64 -5.07 13.14 7.84
N ILE A 65 -6.06 12.26 7.58
CA ILE A 65 -6.84 12.34 6.36
C ILE A 65 -7.53 13.70 6.26
N GLN A 66 -8.15 14.14 7.36
CA GLN A 66 -8.74 15.46 7.36
C GLN A 66 -7.74 16.48 6.81
N GLY A 67 -6.47 16.43 7.19
CA GLY A 67 -5.53 17.46 6.76
C GLY A 67 -5.02 17.22 5.34
N LEU A 68 -4.95 15.95 4.92
CA LEU A 68 -4.58 15.55 3.57
C LEU A 68 -5.66 15.96 2.57
N ARG A 69 -6.92 16.01 3.04
CA ARG A 69 -8.10 16.28 2.22
C ARG A 69 -8.23 17.77 1.92
N GLY A 70 -7.55 18.60 2.72
CA GLY A 70 -7.60 20.04 2.49
C GLY A 70 -8.10 20.75 3.75
N GLY A 71 -8.53 19.97 4.74
CA GLY A 71 -8.81 20.51 6.05
C GLY A 71 -7.51 20.90 6.74
N ASN A 72 -7.60 21.26 8.03
CA ASN A 72 -6.41 21.47 8.84
C ASN A 72 -6.11 20.17 9.57
N TYR A 73 -4.85 20.04 10.03
CA TYR A 73 -4.44 18.86 10.77
C TYR A 73 -4.79 19.06 12.24
N PRO A 74 -5.69 18.24 12.81
CA PRO A 74 -5.84 18.17 14.26
C PRO A 74 -4.63 17.57 14.97
N ASP A 75 -4.40 18.00 16.21
CA ASP A 75 -3.40 17.40 17.07
C ASP A 75 -3.80 15.93 17.22
N GLY A 76 -2.81 15.02 17.15
CA GLY A 76 -3.11 13.58 17.12
C GLY A 76 -3.10 13.01 15.70
N ALA A 77 -2.95 13.86 14.67
CA ALA A 77 -2.70 13.35 13.33
C ALA A 77 -1.33 12.69 13.24
N VAL A 78 -1.27 11.50 12.65
CA VAL A 78 -0.02 10.77 12.47
C VAL A 78 0.09 10.32 11.03
N LEU A 79 1.27 10.57 10.45
CA LEU A 79 1.69 10.03 9.17
C LEU A 79 2.87 9.06 9.39
N VAL A 80 2.87 7.94 8.65
CA VAL A 80 3.94 6.96 8.76
C VAL A 80 4.58 6.76 7.39
N PHE A 81 5.92 6.71 7.37
CA PHE A 81 6.68 6.20 6.23
C PHE A 81 7.29 4.83 6.56
N ASP A 82 6.81 3.79 5.85
CA ASP A 82 7.24 2.41 6.08
C ASP A 82 8.23 2.01 4.97
N LEU A 83 9.50 1.75 5.33
CA LEU A 83 10.56 1.55 4.34
C LEU A 83 10.98 0.08 4.29
N PHE A 84 10.84 -0.53 3.12
CA PHE A 84 11.26 -1.90 2.93
C PHE A 84 12.42 -1.93 1.95
N ASP A 85 13.32 -2.89 2.19
CA ASP A 85 14.30 -3.33 1.21
C ASP A 85 13.59 -4.21 0.18
N TYR A 86 14.20 -4.34 -1.01
CA TYR A 86 13.59 -5.13 -2.08
C TYR A 86 14.64 -6.01 -2.77
N GLN A 87 14.16 -7.11 -3.36
CA GLN A 87 14.95 -8.01 -4.19
C GLN A 87 14.46 -8.02 -5.63
N GLU A 88 15.43 -8.06 -6.57
CA GLU A 88 15.13 -8.19 -7.99
C GLU A 88 14.84 -9.66 -8.29
N ASP A 89 13.65 -9.96 -8.78
CA ASP A 89 13.27 -11.34 -9.11
C ASP A 89 12.64 -11.40 -10.50
N ASN A 90 13.47 -11.54 -11.53
CA ASN A 90 13.06 -11.81 -12.89
C ASN A 90 12.12 -10.72 -13.39
N HIS A 91 12.61 -9.47 -13.41
CA HIS A 91 11.85 -8.29 -13.81
C HIS A 91 10.68 -8.02 -12.84
N ALA A 92 10.85 -8.41 -11.57
CA ALA A 92 9.96 -7.96 -10.52
C ALA A 92 10.80 -7.43 -9.37
N LEU A 93 10.30 -6.41 -8.67
CA LEU A 93 10.84 -5.98 -7.39
C LEU A 93 9.89 -6.48 -6.29
N VAL A 94 10.46 -7.23 -5.34
CA VAL A 94 9.73 -7.99 -4.36
C VAL A 94 10.13 -7.44 -3.01
N GLU A 95 9.13 -7.32 -2.12
CA GLU A 95 9.31 -6.74 -0.78
C GLU A 95 10.14 -7.68 0.11
N GLY A 96 11.19 -7.12 0.72
CA GLY A 96 12.06 -7.81 1.66
C GLY A 96 11.80 -7.38 3.10
N LYS A 97 12.88 -7.16 3.84
CA LYS A 97 12.85 -6.82 5.25
C LYS A 97 12.48 -5.34 5.38
N ARG A 98 11.74 -5.02 6.44
CA ARG A 98 11.53 -3.66 6.86
C ARG A 98 12.87 -3.14 7.34
N LYS A 99 13.25 -1.94 6.86
CA LYS A 99 14.46 -1.24 7.28
C LYS A 99 14.13 -0.39 8.50
N LEU A 100 13.00 0.33 8.41
CA LEU A 100 12.58 1.29 9.44
C LEU A 100 11.21 1.86 9.10
N ILE A 101 10.60 2.53 10.09
CA ILE A 101 9.48 3.43 9.85
C ILE A 101 9.86 4.82 10.35
N GLY A 102 9.41 5.84 9.61
CA GLY A 102 9.48 7.23 10.05
C GLY A 102 8.09 7.69 10.46
N VAL A 103 8.02 8.61 11.42
CA VAL A 103 6.75 8.95 12.04
C VAL A 103 6.70 10.45 12.23
N MET A 104 5.56 11.02 11.82
CA MET A 104 5.27 12.41 12.12
C MET A 104 4.00 12.45 12.96
N GLU A 105 4.09 13.11 14.11
CA GLU A 105 3.02 13.14 15.08
C GLU A 105 2.65 14.61 15.34
N ARG A 106 1.38 14.96 15.11
CA ARG A 106 0.97 16.35 15.08
C ARG A 106 0.68 16.82 16.50
N ASP A 107 1.35 17.92 16.90
CA ASP A 107 1.08 18.66 18.12
C ASP A 107 1.75 20.04 18.09
N ALA A 108 0.93 21.09 17.90
CA ALA A 108 1.43 22.44 17.63
C ALA A 108 2.13 23.04 18.84
N LYS A 109 1.78 22.56 20.05
CA LYS A 109 2.34 23.05 21.29
C LYS A 109 3.53 22.19 21.72
N ARG A 110 3.28 20.89 21.90
CA ARG A 110 4.35 19.99 22.29
C ARG A 110 5.47 20.04 21.25
N PHE A 111 5.14 20.19 19.94
CA PHE A 111 6.17 20.08 18.92
C PHE A 111 6.30 21.34 18.08
N SER A 112 6.16 22.52 18.71
CA SER A 112 6.28 23.81 18.06
C SER A 112 7.69 24.06 17.52
N ALA A 113 8.69 23.37 18.11
CA ALA A 113 10.07 23.59 17.73
C ALA A 113 10.32 23.11 16.30
N THR A 114 9.51 22.17 15.80
CA THR A 114 9.67 21.63 14.46
C THR A 114 8.33 21.69 13.73
N GLY A 115 7.68 22.85 13.83
CA GLY A 115 6.58 23.24 12.95
C GLY A 115 5.25 22.64 13.41
N GLY A 116 5.26 22.03 14.60
CA GLY A 116 4.07 21.52 15.23
C GLY A 116 3.87 20.04 14.98
N TRP A 117 4.83 19.42 14.27
CA TRP A 117 4.94 17.97 14.10
C TRP A 117 6.15 17.42 14.87
N GLY A 118 5.97 16.32 15.61
CA GLY A 118 7.09 15.52 16.10
C GLY A 118 7.67 14.60 15.02
N TYR A 119 8.99 14.40 15.03
CA TYR A 119 9.67 13.45 14.11
C TYR A 119 10.43 12.37 14.88
N GLU A 120 10.27 11.11 14.47
CA GLU A 120 11.00 10.01 15.05
C GLU A 120 11.13 8.90 14.00
N GLY A 121 12.13 8.04 14.18
CA GLY A 121 12.30 6.82 13.40
C GLY A 121 12.47 5.62 14.33
N PHE A 122 11.95 4.47 13.90
CA PHE A 122 12.15 3.21 14.60
C PHE A 122 12.85 2.23 13.65
N GLY A 123 14.08 1.85 14.02
CA GLY A 123 14.85 0.87 13.26
C GLY A 123 14.07 -0.42 13.14
N GLU A 124 13.90 -0.86 11.89
CA GLU A 124 13.16 -2.08 11.58
C GLU A 124 11.74 -2.08 12.13
N GLY A 125 11.21 -0.89 12.47
CA GLY A 125 9.84 -0.73 12.94
C GLY A 125 9.63 -1.23 14.38
N LYS A 126 10.72 -1.47 15.11
CA LYS A 126 10.59 -1.99 16.46
C LYS A 126 10.48 -0.80 17.39
N PRO A 127 9.59 -0.82 18.40
CA PRO A 127 9.40 0.30 19.32
C PRO A 127 10.62 0.74 20.15
N ASP A 128 11.60 -0.16 20.26
CA ASP A 128 12.75 0.06 21.13
C ASP A 128 13.95 0.63 20.37
N LYS A 129 13.84 0.85 19.04
CA LYS A 129 15.01 1.26 18.29
C LYS A 129 14.87 2.71 17.80
N ARG A 130 14.67 3.62 18.74
CA ARG A 130 14.51 5.02 18.41
C ARG A 130 15.81 5.49 17.78
N LEU A 131 15.70 6.24 16.68
CA LEU A 131 16.86 6.60 15.88
C LEU A 131 17.18 8.08 16.08
N VAL A 132 16.20 8.88 16.49
CA VAL A 132 16.39 10.33 16.38
C VAL A 132 16.99 10.88 17.67
N THR A 133 18.01 11.73 17.52
CA THR A 133 18.86 12.16 18.62
C THR A 133 18.89 13.68 18.75
N ASP A 134 18.26 14.43 17.85
CA ASP A 134 18.44 15.88 17.79
C ASP A 134 17.12 16.60 17.92
N GLY A 135 16.19 16.04 18.70
CA GLY A 135 14.82 16.52 18.73
C GLY A 135 14.17 16.62 17.34
N GLY A 136 14.80 16.04 16.32
CA GLY A 136 14.17 15.89 15.01
C GLY A 136 14.55 17.03 14.05
N GLN A 137 15.60 17.79 14.38
CA GLN A 137 15.97 18.95 13.56
C GLN A 137 16.37 18.48 12.17
N GLY A 138 17.18 17.42 12.12
CA GLY A 138 17.59 16.78 10.87
C GLY A 138 16.41 16.50 9.94
N CYS A 139 15.37 15.85 10.48
CA CYS A 139 14.18 15.51 9.73
C CYS A 139 13.50 16.77 9.17
N PHE A 140 13.45 17.81 10.02
CA PHE A 140 12.65 19.00 9.84
C PHE A 140 13.26 19.96 8.82
N GLY A 141 14.59 19.93 8.65
CA GLY A 141 15.28 20.83 7.74
C GLY A 141 14.99 20.52 6.28
N CYS A 142 14.69 19.25 5.98
CA CYS A 142 14.29 18.85 4.65
C CYS A 142 12.79 19.07 4.48
N HIS A 143 12.00 18.64 5.46
CA HIS A 143 10.54 18.75 5.39
C HIS A 143 10.06 20.21 5.34
N ALA A 144 10.93 21.15 5.72
CA ALA A 144 10.57 22.57 5.80
C ALA A 144 10.40 23.17 4.41
N ALA A 145 11.11 22.60 3.41
CA ALA A 145 10.89 22.89 2.01
C ALA A 145 9.40 22.86 1.66
N GLN A 146 8.62 22.12 2.47
CA GLN A 146 7.19 21.92 2.23
C GLN A 146 6.34 22.73 3.21
N LYS A 147 6.88 23.85 3.70
CA LYS A 147 6.15 24.72 4.63
C LYS A 147 4.70 24.91 4.19
N GLU A 148 4.49 25.13 2.89
CA GLU A 148 3.21 25.57 2.33
C GLU A 148 2.17 24.45 2.40
N SER A 149 2.63 23.19 2.50
CA SER A 149 1.73 22.06 2.57
C SER A 149 1.71 21.52 3.99
N GLN A 150 2.20 22.36 4.91
CA GLN A 150 2.24 22.07 6.34
C GLN A 150 3.21 20.93 6.63
N TYR A 151 4.29 20.84 5.82
CA TYR A 151 5.48 20.01 6.03
C TYR A 151 5.30 18.58 5.53
N VAL A 152 4.28 18.33 4.70
CA VAL A 152 3.96 17.03 4.15
C VAL A 152 4.22 17.02 2.64
N PHE A 153 5.00 16.05 2.14
CA PHE A 153 5.22 15.93 0.71
C PHE A 153 4.14 15.08 0.03
N SER A 154 3.48 14.19 0.78
CA SER A 154 2.56 13.27 0.12
C SER A 154 1.27 14.03 -0.21
N ARG A 155 0.68 13.67 -1.36
CA ARG A 155 -0.63 14.13 -1.79
C ARG A 155 -1.55 12.92 -1.90
N LEU A 156 -2.82 13.11 -1.57
CA LEU A 156 -3.79 12.05 -1.74
C LEU A 156 -4.00 11.79 -3.23
N ARG A 157 -4.29 10.52 -3.57
CA ARG A 157 -4.72 10.15 -4.91
C ARG A 157 -6.04 9.38 -4.78
N ASP A 158 -6.61 8.97 -5.90
CA ASP A 158 -7.71 8.03 -5.88
C ASP A 158 -7.16 6.62 -5.64
N THR B 23 -24.85 -13.53 -10.99
CA THR B 23 -23.66 -14.37 -11.25
C THR B 23 -22.49 -13.48 -11.67
N LYS B 24 -22.53 -12.21 -11.24
CA LYS B 24 -21.55 -11.25 -11.73
C LYS B 24 -20.97 -10.45 -10.57
N VAL B 25 -19.63 -10.35 -10.55
CA VAL B 25 -18.85 -9.73 -9.50
C VAL B 25 -19.29 -8.28 -9.32
N LYS B 26 -19.63 -7.95 -8.06
CA LYS B 26 -19.92 -6.60 -7.65
C LYS B 26 -18.66 -5.74 -7.61
N TYR B 27 -18.79 -4.52 -8.10
CA TYR B 27 -17.76 -3.52 -7.95
C TYR B 27 -17.51 -3.32 -6.46
N PRO B 28 -16.25 -3.29 -5.99
CA PRO B 28 -15.94 -3.11 -4.58
C PRO B 28 -15.81 -1.65 -4.15
N ASP B 29 -16.94 -0.96 -4.02
CA ASP B 29 -16.94 0.40 -3.48
C ASP B 29 -16.16 0.46 -2.17
N GLY B 30 -15.32 1.50 -2.07
CA GLY B 30 -14.66 1.85 -0.82
C GLY B 30 -13.37 1.06 -0.61
N PHE B 31 -12.91 0.31 -1.62
CA PHE B 31 -11.87 -0.69 -1.40
C PHE B 31 -10.56 -0.01 -0.96
N ARG B 32 -10.42 1.27 -1.33
CA ARG B 32 -9.18 2.00 -1.12
C ARG B 32 -8.95 2.29 0.36
N SER B 33 -10.03 2.18 1.17
CA SER B 33 -9.97 2.42 2.61
C SER B 33 -9.83 1.09 3.35
N TRP B 34 -9.60 0.01 2.61
CA TRP B 34 -9.46 -1.32 3.18
C TRP B 34 -8.02 -1.56 3.64
N TYR B 35 -7.72 -2.80 4.01
CA TYR B 35 -6.42 -3.15 4.56
C TYR B 35 -5.45 -3.46 3.43
N HIS B 36 -4.28 -2.80 3.46
CA HIS B 36 -3.20 -3.02 2.51
C HIS B 36 -2.39 -4.23 2.95
N VAL B 37 -2.41 -5.28 2.15
CA VAL B 37 -1.82 -6.56 2.49
C VAL B 37 -0.36 -6.54 2.08
N LYS B 38 -0.10 -6.08 0.85
CA LYS B 38 1.25 -6.02 0.29
C LYS B 38 1.26 -5.24 -1.03
N SER B 39 2.47 -5.08 -1.61
CA SER B 39 2.63 -4.45 -2.90
C SER B 39 3.72 -5.21 -3.66
N MET B 40 3.79 -4.99 -4.99
CA MET B 40 4.79 -5.61 -5.84
C MET B 40 4.90 -4.81 -7.13
N VAL B 41 6.12 -4.83 -7.70
CA VAL B 41 6.42 -4.16 -8.95
C VAL B 41 6.68 -5.25 -9.99
N ILE B 42 5.89 -5.21 -11.07
CA ILE B 42 6.15 -6.00 -12.27
C ILE B 42 6.63 -5.06 -13.38
N GLN B 43 7.84 -5.34 -13.88
CA GLN B 43 8.56 -4.48 -14.81
C GLN B 43 8.51 -5.09 -16.21
N PRO B 44 8.77 -4.31 -17.29
CA PRO B 44 8.85 -4.90 -18.62
C PRO B 44 9.84 -6.08 -18.70
N GLY B 45 9.37 -7.18 -19.31
CA GLY B 45 10.15 -8.41 -19.39
C GLY B 45 9.53 -9.56 -18.60
N HIS B 46 8.90 -9.26 -17.46
CA HIS B 46 8.17 -10.24 -16.66
C HIS B 46 7.10 -10.91 -17.52
N PRO B 47 6.87 -12.24 -17.39
CA PRO B 47 5.82 -12.90 -18.18
C PRO B 47 4.42 -12.36 -17.96
N LEU B 48 4.17 -11.70 -16.82
CA LEU B 48 2.84 -11.17 -16.47
C LEU B 48 2.73 -9.70 -16.90
N GLU B 49 3.74 -9.22 -17.62
CA GLU B 49 3.79 -7.85 -18.12
C GLU B 49 2.46 -7.51 -18.78
N ASN B 50 1.95 -8.49 -19.53
CA ASN B 50 0.73 -8.36 -20.29
C ASN B 50 -0.37 -9.14 -19.57
N PRO B 51 -1.39 -8.49 -18.95
CA PRO B 51 -1.44 -7.04 -18.77
C PRO B 51 -1.29 -6.53 -17.33
N PHE B 52 -0.46 -7.20 -16.51
CA PHE B 52 -0.33 -6.89 -15.09
C PHE B 52 0.97 -6.14 -14.76
N GLY B 53 1.59 -5.50 -15.76
CA GLY B 53 2.79 -4.70 -15.55
C GLY B 53 2.49 -3.37 -14.83
N GLY B 54 3.37 -2.96 -13.92
CA GLY B 54 3.13 -1.77 -13.12
C GLY B 54 3.38 -2.05 -11.63
N ILE B 55 3.15 -1.03 -10.80
CA ILE B 55 3.11 -1.16 -9.36
C ILE B 55 1.68 -1.57 -8.95
N HIS B 56 1.57 -2.74 -8.29
CA HIS B 56 0.29 -3.16 -7.76
C HIS B 56 0.33 -3.25 -6.22
N HIS B 57 -0.86 -3.01 -5.67
CA HIS B 57 -1.15 -3.10 -4.26
C HIS B 57 -2.33 -4.04 -4.05
N VAL B 58 -2.27 -4.79 -2.94
CA VAL B 58 -3.33 -5.71 -2.62
C VAL B 58 -4.01 -5.22 -1.35
N TYR B 59 -5.34 -5.21 -1.42
CA TYR B 59 -6.22 -4.85 -0.32
C TYR B 59 -7.24 -5.96 -0.08
N ALA B 60 -7.71 -6.03 1.18
CA ALA B 60 -8.60 -7.09 1.62
C ALA B 60 -9.63 -6.47 2.53
N ASN B 61 -10.88 -6.94 2.41
CA ASN B 61 -11.90 -6.55 3.40
C ASN B 61 -11.76 -7.43 4.64
N ALA B 62 -12.59 -7.13 5.65
CA ALA B 62 -12.52 -7.76 6.95
C ALA B 62 -12.65 -9.29 6.82
N GLU B 63 -13.53 -9.74 5.94
CA GLU B 63 -13.82 -11.16 5.74
C GLU B 63 -12.62 -11.85 5.08
N ALA B 64 -11.89 -11.12 4.23
CA ALA B 64 -10.76 -11.71 3.54
C ALA B 64 -9.58 -11.90 4.51
N ILE B 65 -9.40 -10.93 5.42
CA ILE B 65 -8.33 -10.88 6.41
C ILE B 65 -8.35 -12.18 7.22
N GLN B 66 -9.55 -12.69 7.45
CA GLN B 66 -9.74 -13.85 8.29
C GLN B 66 -9.27 -15.12 7.57
N GLY B 67 -9.35 -15.12 6.23
CA GLY B 67 -8.83 -16.24 5.43
C GLY B 67 -7.30 -16.15 5.36
N LEU B 68 -6.82 -14.93 5.10
CA LEU B 68 -5.39 -14.67 5.13
C LEU B 68 -4.79 -15.01 6.48
N ARG B 69 -5.53 -14.78 7.59
CA ARG B 69 -5.01 -15.01 8.95
C ARG B 69 -4.99 -16.50 9.30
N GLY B 70 -5.62 -17.36 8.48
CA GLY B 70 -5.49 -18.80 8.66
C GLY B 70 -6.85 -19.50 8.60
N GLY B 71 -7.91 -18.76 8.89
CA GLY B 71 -9.26 -19.30 8.87
C GLY B 71 -9.73 -19.68 7.47
N ASN B 72 -10.99 -20.11 7.38
CA ASN B 72 -11.66 -20.32 6.11
C ASN B 72 -12.04 -18.94 5.58
N TYR B 73 -12.00 -18.76 4.24
CA TYR B 73 -12.58 -17.59 3.60
C TYR B 73 -14.10 -17.71 3.61
N PRO B 74 -14.84 -16.85 4.35
CA PRO B 74 -16.29 -16.81 4.29
C PRO B 74 -16.86 -16.07 3.09
N ASP B 75 -18.09 -16.41 2.74
CA ASP B 75 -18.85 -15.73 1.72
C ASP B 75 -18.77 -14.22 1.99
N GLY B 76 -18.51 -13.43 0.94
CA GLY B 76 -18.49 -11.97 1.06
C GLY B 76 -17.06 -11.46 1.14
N ALA B 77 -16.09 -12.38 1.20
CA ALA B 77 -14.69 -12.02 1.25
C ALA B 77 -14.30 -11.40 -0.09
N VAL B 78 -13.51 -10.32 -0.05
CA VAL B 78 -13.08 -9.65 -1.26
C VAL B 78 -11.60 -9.27 -1.20
N LEU B 79 -10.86 -9.69 -2.24
CA LEU B 79 -9.51 -9.21 -2.50
C LEU B 79 -9.48 -8.34 -3.77
N VAL B 80 -8.69 -7.27 -3.71
CA VAL B 80 -8.50 -6.39 -4.86
C VAL B 80 -7.02 -6.29 -5.21
N PHE B 81 -6.75 -6.33 -6.51
CA PHE B 81 -5.44 -6.08 -7.10
C PHE B 81 -5.55 -4.71 -7.76
N ASP B 82 -4.88 -3.72 -7.18
CA ASP B 82 -4.92 -2.36 -7.67
C ASP B 82 -3.62 -2.05 -8.41
N LEU B 83 -3.73 -1.93 -9.75
CA LEU B 83 -2.61 -1.80 -10.66
C LEU B 83 -2.46 -0.38 -11.20
N PHE B 84 -1.27 0.18 -10.94
CA PHE B 84 -0.85 1.49 -11.42
C PHE B 84 0.29 1.34 -12.43
N ASP B 85 0.21 2.16 -13.45
CA ASP B 85 1.33 2.49 -14.29
C ASP B 85 2.33 3.32 -13.46
N TYR B 86 3.59 3.41 -13.92
CA TYR B 86 4.64 4.12 -13.20
C TYR B 86 5.66 4.67 -14.19
N GLN B 87 6.47 5.63 -13.75
CA GLN B 87 7.44 6.33 -14.57
C GLN B 87 8.81 6.30 -13.87
N GLU B 88 9.85 5.79 -14.56
CA GLU B 88 11.22 5.88 -14.08
C GLU B 88 11.59 7.36 -14.24
N ASP B 89 12.05 7.97 -13.15
CA ASP B 89 12.53 9.34 -13.15
C ASP B 89 13.73 9.42 -12.21
N ASN B 90 14.95 9.42 -12.79
CA ASN B 90 16.20 9.46 -12.02
C ASN B 90 16.26 8.30 -11.01
N HIS B 91 15.87 7.09 -11.45
CA HIS B 91 15.94 5.87 -10.65
C HIS B 91 14.98 5.89 -9.45
N ALA B 92 13.95 6.75 -9.49
CA ALA B 92 12.79 6.53 -8.63
C ALA B 92 11.62 6.04 -9.47
N LEU B 93 10.82 5.10 -8.92
CA LEU B 93 9.60 4.66 -9.58
C LEU B 93 8.46 5.41 -8.92
N VAL B 94 7.65 6.07 -9.75
CA VAL B 94 6.65 6.99 -9.25
C VAL B 94 5.31 6.50 -9.80
N GLU B 95 4.30 6.39 -8.94
CA GLU B 95 2.98 5.98 -9.42
C GLU B 95 2.38 7.01 -10.38
N GLY B 96 1.77 6.53 -11.48
CA GLY B 96 1.01 7.43 -12.34
C GLY B 96 -0.49 7.15 -12.31
N LYS B 97 -1.03 6.68 -13.46
CA LYS B 97 -2.45 6.42 -13.60
C LYS B 97 -2.75 4.96 -13.34
N ARG B 98 -3.93 4.71 -12.72
CA ARG B 98 -4.40 3.37 -12.47
C ARG B 98 -4.75 2.74 -13.82
N LYS B 99 -4.26 1.52 -14.06
CA LYS B 99 -4.55 0.83 -15.32
C LYS B 99 -5.85 0.03 -15.20
N LEU B 100 -5.96 -0.72 -14.09
CA LEU B 100 -7.10 -1.58 -13.84
C LEU B 100 -7.11 -1.98 -12.37
N ILE B 101 -8.22 -2.60 -11.93
CA ILE B 101 -8.22 -3.37 -10.70
C ILE B 101 -8.75 -4.75 -11.06
N GLY B 102 -8.16 -5.77 -10.43
CA GLY B 102 -8.62 -7.14 -10.46
C GLY B 102 -9.30 -7.46 -9.13
N VAL B 103 -10.31 -8.33 -9.19
CA VAL B 103 -11.17 -8.53 -8.04
C VAL B 103 -11.46 -10.01 -7.88
N MET B 104 -11.41 -10.46 -6.61
CA MET B 104 -11.89 -11.78 -6.24
C MET B 104 -12.97 -11.62 -5.18
N GLU B 105 -14.15 -12.20 -5.43
CA GLU B 105 -15.28 -12.14 -4.50
C GLU B 105 -15.67 -13.58 -4.12
N ARG B 106 -15.82 -13.85 -2.82
CA ARG B 106 -16.05 -15.19 -2.32
C ARG B 106 -17.53 -15.49 -2.28
N ASP B 107 -17.92 -16.54 -3.01
CA ASP B 107 -19.25 -17.11 -2.87
C ASP B 107 -19.24 -18.54 -3.40
N ALA B 108 -19.30 -19.51 -2.47
CA ALA B 108 -19.02 -20.90 -2.72
C ALA B 108 -20.08 -21.51 -3.64
N LYS B 109 -21.31 -20.98 -3.57
CA LYS B 109 -22.43 -21.51 -4.33
C LYS B 109 -22.46 -20.90 -5.72
N ARG B 110 -22.59 -19.58 -5.75
CA ARG B 110 -22.78 -18.81 -6.96
C ARG B 110 -21.55 -18.89 -7.88
N PHE B 111 -20.35 -19.13 -7.32
CA PHE B 111 -19.11 -19.13 -8.10
C PHE B 111 -18.45 -20.50 -8.07
N SER B 112 -19.28 -21.52 -7.79
N SER B 112 -19.25 -21.54 -7.84
CA SER B 112 -18.91 -22.92 -7.74
CA SER B 112 -18.73 -22.90 -7.67
C SER B 112 -17.98 -23.26 -8.89
C SER B 112 -17.95 -23.32 -8.91
N ALA B 113 -18.41 -22.84 -10.08
CA ALA B 113 -17.76 -23.14 -11.35
C ALA B 113 -16.27 -22.77 -11.36
N THR B 114 -15.88 -21.67 -10.70
CA THR B 114 -14.50 -21.23 -10.70
C THR B 114 -13.91 -21.34 -9.29
N GLY B 115 -14.37 -22.35 -8.54
CA GLY B 115 -13.76 -22.77 -7.27
C GLY B 115 -14.20 -21.88 -6.11
N GLY B 116 -15.35 -21.24 -6.24
CA GLY B 116 -15.88 -20.48 -5.11
C GLY B 116 -15.47 -19.01 -5.14
N TRP B 117 -14.54 -18.63 -6.02
CA TRP B 117 -14.29 -17.19 -6.20
C TRP B 117 -14.76 -16.75 -7.59
N GLY B 118 -15.41 -15.58 -7.63
CA GLY B 118 -15.71 -14.88 -8.88
C GLY B 118 -14.61 -13.89 -9.24
N TYR B 119 -14.20 -13.93 -10.51
CA TYR B 119 -13.05 -13.19 -11.03
C TYR B 119 -13.56 -12.13 -12.02
N GLU B 120 -13.15 -10.88 -11.81
CA GLU B 120 -13.54 -9.77 -12.68
C GLU B 120 -12.45 -8.72 -12.70
N GLY B 121 -12.39 -7.96 -13.82
CA GLY B 121 -11.54 -6.81 -14.01
C GLY B 121 -12.36 -5.55 -14.30
N PHE B 122 -11.86 -4.41 -13.79
CA PHE B 122 -12.43 -3.11 -14.10
C PHE B 122 -11.34 -2.23 -14.70
N GLY B 123 -11.53 -1.91 -15.99
CA GLY B 123 -10.67 -0.95 -16.66
C GLY B 123 -10.60 0.35 -15.89
N GLU B 124 -9.36 0.78 -15.63
CA GLU B 124 -9.09 2.03 -14.93
C GLU B 124 -9.82 2.10 -13.58
N GLY B 125 -10.22 0.97 -13.00
CA GLY B 125 -10.97 1.01 -11.74
C GLY B 125 -12.38 1.60 -11.88
N LYS B 126 -12.91 1.70 -13.11
CA LYS B 126 -14.24 2.29 -13.24
C LYS B 126 -15.29 1.18 -13.32
N PRO B 127 -16.48 1.36 -12.68
CA PRO B 127 -17.46 0.27 -12.57
C PRO B 127 -18.01 -0.18 -13.92
N ASP B 128 -18.02 0.73 -14.89
CA ASP B 128 -18.64 0.51 -16.18
C ASP B 128 -17.70 -0.18 -17.19
N LYS B 129 -16.64 -0.89 -16.76
CA LYS B 129 -15.58 -1.30 -17.68
C LYS B 129 -15.09 -2.74 -17.47
N ARG B 130 -15.99 -3.71 -17.60
CA ARG B 130 -15.68 -5.08 -17.23
C ARG B 130 -14.71 -5.70 -18.23
N LEU B 131 -13.65 -6.39 -17.76
CA LEU B 131 -12.61 -6.86 -18.68
C LEU B 131 -12.78 -8.36 -18.98
N VAL B 132 -13.54 -9.08 -18.17
CA VAL B 132 -13.54 -10.53 -18.27
C VAL B 132 -14.64 -10.95 -19.24
N THR B 133 -14.31 -11.82 -20.20
CA THR B 133 -15.25 -12.17 -21.25
C THR B 133 -15.55 -13.66 -21.28
N ASP B 134 -14.84 -14.45 -20.45
CA ASP B 134 -14.96 -15.90 -20.45
C ASP B 134 -15.44 -16.40 -19.09
N GLY B 135 -16.34 -15.65 -18.43
CA GLY B 135 -16.83 -16.05 -17.11
C GLY B 135 -15.75 -16.34 -16.05
N GLY B 136 -14.49 -15.90 -16.28
CA GLY B 136 -13.43 -15.94 -15.29
C GLY B 136 -12.52 -17.17 -15.35
N GLN B 137 -12.64 -18.02 -16.37
CA GLN B 137 -11.86 -19.26 -16.39
C GLN B 137 -10.36 -18.98 -16.66
N GLY B 138 -10.08 -17.87 -17.37
CA GLY B 138 -8.70 -17.46 -17.60
C GLY B 138 -7.96 -17.15 -16.29
N CYS B 139 -8.54 -16.25 -15.49
CA CYS B 139 -8.04 -15.97 -14.16
C CYS B 139 -7.85 -17.26 -13.36
N PHE B 140 -8.90 -18.09 -13.31
CA PHE B 140 -8.92 -19.32 -12.50
C PHE B 140 -7.87 -20.31 -12.98
N GLY B 141 -7.66 -20.40 -14.31
CA GLY B 141 -6.64 -21.23 -14.91
C GLY B 141 -5.31 -21.12 -14.14
N CYS B 142 -4.83 -19.90 -13.96
CA CYS B 142 -3.60 -19.63 -13.25
C CYS B 142 -3.75 -19.70 -11.73
N HIS B 143 -4.85 -19.17 -11.19
CA HIS B 143 -5.02 -19.13 -9.74
C HIS B 143 -5.22 -20.53 -9.14
N ALA B 144 -5.43 -21.54 -9.98
CA ALA B 144 -5.75 -22.89 -9.52
C ALA B 144 -4.53 -23.54 -8.90
N ALA B 145 -3.34 -23.09 -9.32
CA ALA B 145 -2.07 -23.61 -8.84
C ALA B 145 -1.92 -23.37 -7.34
N GLN B 146 -2.76 -22.47 -6.78
CA GLN B 146 -2.71 -22.14 -5.36
C GLN B 146 -3.91 -22.74 -4.64
N LYS B 147 -4.45 -23.81 -5.24
CA LYS B 147 -5.52 -24.57 -4.64
C LYS B 147 -5.19 -24.83 -3.16
N GLU B 148 -3.93 -25.14 -2.88
CA GLU B 148 -3.49 -25.45 -1.52
C GLU B 148 -3.84 -24.31 -0.57
N SER B 149 -3.86 -23.05 -1.05
CA SER B 149 -4.11 -21.93 -0.16
C SER B 149 -5.34 -21.13 -0.60
N GLN B 150 -6.32 -21.89 -1.10
CA GLN B 150 -7.66 -21.36 -1.35
C GLN B 150 -7.59 -20.42 -2.57
N TYR B 151 -6.56 -20.61 -3.42
CA TYR B 151 -6.43 -19.92 -4.72
C TYR B 151 -5.91 -18.48 -4.56
N VAL B 152 -5.41 -18.11 -3.38
CA VAL B 152 -4.83 -16.80 -3.13
C VAL B 152 -3.30 -16.95 -3.11
N PHE B 153 -2.60 -16.05 -3.81
CA PHE B 153 -1.14 -16.02 -3.84
C PHE B 153 -0.59 -15.14 -2.74
N SER B 154 -1.26 -14.01 -2.43
CA SER B 154 -0.72 -13.07 -1.45
C SER B 154 -0.64 -13.71 -0.05
N ARG B 155 0.36 -13.29 0.73
CA ARG B 155 0.50 -13.68 2.12
C ARG B 155 0.61 -12.42 2.97
N LEU B 156 -0.19 -12.32 4.02
CA LEU B 156 0.10 -11.37 5.09
C LEU B 156 1.59 -11.34 5.41
N ARG B 157 2.13 -10.13 5.45
CA ARG B 157 3.40 -9.86 6.11
C ARG B 157 3.06 -8.90 7.25
N ASP B 158 4.04 -8.47 8.03
CA ASP B 158 3.73 -7.58 9.13
C ASP B 158 4.10 -6.16 8.71
ZN ZN C . 15.04 -10.99 -18.75
FE HEC D . 10.63 12.44 5.35
CHA HEC D . 7.88 11.74 3.59
CHB HEC D . 9.15 11.33 8.23
CHC HEC D . 13.54 12.85 7.00
CHD HEC D . 12.07 13.84 2.52
NA HEC D . 8.87 11.71 5.86
C1A HEC D . 7.84 11.49 4.97
C2A HEC D . 6.76 11.00 5.66
C3A HEC D . 7.12 10.88 6.97
C4A HEC D . 8.39 11.32 7.08
CMA HEC D . 6.25 10.35 8.08
CAA HEC D . 5.42 10.70 5.05
CBA HEC D . 4.61 11.99 5.03
CGA HEC D . 5.04 13.04 4.01
O1A HEC D . 4.90 12.78 2.78
O2A HEC D . 5.56 14.11 4.42
NB HEC D . 11.21 12.18 7.24
C1B HEC D . 10.49 11.66 8.29
C2B HEC D . 11.30 11.57 9.41
C3B HEC D . 12.54 11.99 9.06
C4B HEC D . 12.47 12.36 7.73
CMB HEC D . 10.91 11.05 10.75
CAB HEC D . 13.78 11.99 9.94
CBB HEC D . 14.07 10.64 10.54
NC HEC D . 12.48 13.21 4.82
C1C HEC D . 13.52 13.30 5.67
C2C HEC D . 14.58 13.94 5.08
C3C HEC D . 14.21 14.25 3.77
C4C HEC D . 12.87 13.79 3.65
CMC HEC D . 15.91 14.22 5.74
CAC HEC D . 14.93 15.02 2.69
CBC HEC D . 16.45 14.92 2.69
ND HEC D . 10.07 12.73 3.39
C1D HEC D . 10.79 13.27 2.34
C2D HEC D . 10.09 13.09 1.15
C3D HEC D . 8.92 12.49 1.46
C4D HEC D . 8.90 12.29 2.83
CMD HEC D . 10.53 13.44 -0.26
CAD HEC D . 7.86 12.07 0.46
CBD HEC D . 7.83 10.58 0.09
CGD HEC D . 6.78 10.23 -0.95
O1D HEC D . 6.54 9.05 -1.34
O2D HEC D . 6.20 11.24 -1.39
N NO E . 11.48 10.78 5.17
O NO E . 11.60 9.66 4.60
FE HEC F . -4.31 -12.93 -10.34
CHA HEC F . -2.99 -11.87 -7.44
CHB HEC F . -7.27 -11.38 -9.60
CHC HEC F . -5.45 -13.56 -13.43
CHD HEC F . -1.45 -14.65 -11.03
NA HEC F . -5.00 -11.78 -8.83
C1A HEC F . -4.31 -11.54 -7.68
C2A HEC F . -5.16 -10.97 -6.75
C3A HEC F . -6.38 -10.83 -7.35
C4A HEC F . -6.27 -11.33 -8.63
CMA HEC F . -7.60 -10.23 -6.70
CAA HEC F . -4.83 -10.60 -5.32
CBA HEC F . -5.01 -11.77 -4.37
CGA HEC F . -3.98 -12.91 -4.43
O1A HEC F . -2.78 -12.72 -4.12
O2A HEC F . -4.39 -14.01 -4.85
NB HEC F . -6.06 -12.55 -11.34
C1B HEC F . -7.17 -11.89 -10.88
C2B HEC F . -8.10 -11.77 -11.88
C3B HEC F . -7.58 -12.36 -13.04
C4B HEC F . -6.32 -12.85 -12.65
CMB HEC F . -9.43 -11.08 -11.78
CAB HEC F . -8.21 -12.55 -14.40
CBB HEC F . -8.77 -11.28 -15.02
NC HEC F . -3.55 -13.90 -11.94
C1C HEC F . -4.21 -14.10 -13.11
C2C HEC F . -3.49 -14.95 -13.94
C3C HEC F . -2.32 -15.26 -13.28
C4C HEC F . -2.42 -14.62 -12.03
CMC HEC F . -3.92 -15.42 -15.31
CAC HEC F . -1.21 -16.20 -13.68
CBC HEC F . -0.95 -16.28 -15.17
ND HEC F . -2.51 -13.21 -9.41
C1D HEC F . -1.44 -13.92 -9.85
C2D HEC F . -0.37 -13.75 -8.99
C3D HEC F . -0.81 -12.96 -7.98
C4D HEC F . -2.13 -12.65 -8.24
CMD HEC F . 1.01 -14.34 -9.12
CAD HEC F . 0.01 -12.49 -6.81
CBD HEC F . 0.66 -11.11 -6.87
CGD HEC F . 1.42 -10.68 -5.60
O1D HEC F . 1.62 -9.46 -5.27
O2D HEC F . 1.84 -11.66 -4.93
C1 GOL G . 6.96 -4.73 13.41
O1 GOL G . 7.61 -5.02 14.64
C2 GOL G . 5.46 -4.79 13.54
O2 GOL G . 5.07 -4.43 14.87
C3 GOL G . 4.71 -3.94 12.55
O3 GOL G . 3.69 -3.18 13.17
N NO H . -3.31 -11.36 -10.61
O NO H . -3.56 -10.42 -11.41
#